data_3IE3
#
_entry.id   3IE3
#
_cell.length_a   77.869
_cell.length_b   89.535
_cell.length_c   68.916
_cell.angle_alpha   90.00
_cell.angle_beta   98.04
_cell.angle_gamma   90.00
#
_symmetry.space_group_name_H-M   'C 1 2 1'
#
loop_
_entity.id
_entity.type
_entity.pdbx_description
1 polymer 'Glutathione S-transferase P'
2 non-polymer GLUTATHIONE
3 non-polymer 6-[(7-nitro-2,1,3-benzoxadiazol-4-yl)sulfanyl]hexan-1-ol
4 non-polymer '2-(N-MORPHOLINO)-ETHANESULFONIC ACID'
5 water water
#
_entity_poly.entity_id   1
_entity_poly.type   'polypeptide(L)'
_entity_poly.pdbx_seq_one_letter_code
;PPYTVVYFPVRGRCAALRMLLADQGQSWKEEVVTVETWQEGSLKASCLYGQLPKFQDGDLTLYQSNTILRHLGRTLGLYG
KDQQEAALVDMVNDGVEDLRCKYASLIYTNYEAGKDDYVKALPGQLKPFETLLSQNQGGKTFIVGDQISFADYNLLDLLL
IHEVLAPGCLDAFPLLSAYVGRLSARPKLKAFLASPEYVNLPINGNGKQ
;
_entity_poly.pdbx_strand_id   A,B
#
loop_
_chem_comp.id
_chem_comp.type
_chem_comp.name
_chem_comp.formula
GSH non-polymer GLUTATHIONE 'C10 H17 N3 O6 S'
MES non-polymer '2-(N-MORPHOLINO)-ETHANESULFONIC ACID' 'C6 H13 N O4 S'
N11 non-polymer 6-[(7-nitro-2,1,3-benzoxadiazol-4-yl)sulfanyl]hexan-1-ol 'C12 H15 N3 O4 S'
#
# COMPACT_ATOMS: atom_id res chain seq x y z
N PRO A 1 18.29 18.51 -11.76
CA PRO A 1 17.77 18.05 -10.48
C PRO A 1 18.12 16.57 -10.22
N PRO A 2 18.23 16.18 -8.94
CA PRO A 2 18.45 14.77 -8.60
C PRO A 2 17.20 13.92 -8.82
N TYR A 3 16.03 14.57 -8.80
CA TYR A 3 14.75 13.87 -8.92
C TYR A 3 14.13 14.01 -10.30
N THR A 4 13.58 12.91 -10.81
CA THR A 4 12.82 12.92 -12.06
C THR A 4 11.51 12.16 -11.85
N VAL A 5 10.40 12.80 -12.25
CA VAL A 5 9.08 12.16 -12.24
C VAL A 5 8.70 11.80 -13.68
N VAL A 6 8.43 10.51 -13.91
CA VAL A 6 8.04 10.01 -15.23
C VAL A 6 6.59 9.57 -15.19
N TYR A 7 5.71 10.30 -15.88
CA TYR A 7 4.27 10.06 -15.79
C TYR A 7 3.50 10.55 -17.00
N PHE A 8 2.24 10.13 -17.09
CA PHE A 8 1.29 10.67 -18.06
C PHE A 8 1.01 12.13 -17.73
N PRO A 9 0.46 12.90 -18.70
CA PRO A 9 0.10 14.30 -18.45
C PRO A 9 -1.19 14.39 -17.61
N VAL A 10 -1.11 13.90 -16.38
N VAL A 10 -1.08 13.97 -16.35
CA VAL A 10 -2.23 13.94 -15.44
CA VAL A 10 -2.20 13.77 -15.43
C VAL A 10 -1.70 14.12 -14.02
C VAL A 10 -1.71 14.02 -14.00
N ARG A 11 -2.59 14.51 -13.12
CA ARG A 11 -2.25 14.65 -11.70
C ARG A 11 -2.18 13.26 -11.08
N GLY A 12 -3.32 12.58 -11.04
CA GLY A 12 -3.40 11.16 -10.67
C GLY A 12 -2.58 10.75 -9.46
N ARG A 13 -1.77 9.71 -9.65
CA ARG A 13 -0.96 9.13 -8.57
C ARG A 13 0.37 9.85 -8.33
N CYS A 14 0.58 10.96 -9.04
CA CYS A 14 1.75 11.82 -8.81
C CYS A 14 1.43 13.12 -8.09
N ALA A 15 0.14 13.43 -7.93
CA ALA A 15 -0.28 14.71 -7.34
C ALA A 15 0.29 14.90 -5.93
N ALA A 16 0.16 13.87 -5.08
CA ALA A 16 0.62 13.97 -3.70
C ALA A 16 2.13 14.15 -3.61
N LEU A 17 2.89 13.36 -4.36
CA LEU A 17 4.35 13.44 -4.31
C LEU A 17 4.88 14.76 -4.87
N ARG A 18 4.18 15.31 -5.85
CA ARG A 18 4.50 16.63 -6.41
C ARG A 18 4.27 17.74 -5.38
N MET A 19 3.13 17.68 -4.70
CA MET A 19 2.82 18.61 -3.61
C MET A 19 3.90 18.57 -2.53
N LEU A 20 4.30 17.36 -2.15
CA LEU A 20 5.37 17.13 -1.18
C LEU A 20 6.66 17.84 -1.62
N LEU A 21 7.09 17.57 -2.85
CA LEU A 21 8.33 18.13 -3.37
C LEU A 21 8.29 19.66 -3.43
N ALA A 22 7.17 20.20 -3.92
CA ALA A 22 6.99 21.65 -4.01
C ALA A 22 6.98 22.33 -2.64
N ASP A 23 6.23 21.76 -1.69
CA ASP A 23 6.13 22.32 -0.35
C ASP A 23 7.45 22.23 0.43
N GLN A 24 8.27 21.24 0.09
CA GLN A 24 9.57 21.05 0.73
C GLN A 24 10.70 21.80 0.01
N GLY A 25 10.34 22.53 -1.04
CA GLY A 25 11.29 23.38 -1.77
C GLY A 25 12.33 22.62 -2.56
N GLN A 26 11.95 21.43 -3.02
CA GLN A 26 12.86 20.57 -3.78
C GLN A 26 12.70 20.78 -5.28
N SER A 27 13.80 20.60 -6.00
CA SER A 27 13.79 20.70 -7.45
CA SER A 27 13.81 20.71 -7.45
C SER A 27 13.62 19.33 -8.08
N TRP A 28 12.82 19.27 -9.15
CA TRP A 28 12.63 18.03 -9.89
C TRP A 28 12.33 18.26 -11.37
N LYS A 29 12.57 17.23 -12.17
CA LYS A 29 12.26 17.24 -13.60
C LYS A 29 11.00 16.42 -13.86
N GLU A 30 10.15 16.92 -14.76
CA GLU A 30 8.99 16.17 -15.22
C GLU A 30 9.25 15.60 -16.61
N GLU A 31 9.20 14.28 -16.72
CA GLU A 31 9.26 13.63 -18.03
C GLU A 31 7.88 13.09 -18.38
N VAL A 32 7.30 13.65 -19.44
CA VAL A 32 5.91 13.36 -19.81
C VAL A 32 5.82 12.23 -20.83
N VAL A 33 4.93 11.30 -20.55
CA VAL A 33 4.72 10.13 -21.42
C VAL A 33 3.36 10.26 -22.10
N THR A 34 3.38 10.35 -23.43
CA THR A 34 2.17 10.47 -24.22
C THR A 34 1.46 9.13 -24.38
N VAL A 35 0.18 9.20 -24.76
CA VAL A 35 -0.61 8.00 -25.06
C VAL A 35 0.07 7.15 -26.13
N GLU A 36 0.57 7.80 -27.17
CA GLU A 36 1.24 7.10 -28.26
C GLU A 36 2.47 6.37 -27.76
N THR A 37 3.35 7.08 -27.07
CA THR A 37 4.59 6.49 -26.56
C THR A 37 4.30 5.26 -25.69
N TRP A 38 3.25 5.36 -24.87
CA TRP A 38 2.84 4.25 -24.01
C TRP A 38 2.33 3.06 -24.82
N GLN A 39 1.53 3.34 -25.85
CA GLN A 39 0.97 2.30 -26.71
C GLN A 39 2.03 1.60 -27.59
N GLU A 40 3.12 2.31 -27.88
CA GLU A 40 4.26 1.72 -28.60
C GLU A 40 4.80 0.48 -27.88
N GLY A 41 4.88 0.55 -26.55
CA GLY A 41 5.13 -0.64 -25.74
C GLY A 41 6.48 -0.78 -25.05
N SER A 42 7.52 -0.12 -25.58
CA SER A 42 8.88 -0.29 -25.08
C SER A 42 9.09 0.24 -23.66
N LEU A 43 8.59 1.45 -23.39
CA LEU A 43 8.68 2.00 -22.03
C LEU A 43 7.93 1.12 -21.04
N LYS A 44 6.69 0.74 -21.39
CA LYS A 44 5.85 -0.10 -20.55
C LYS A 44 6.55 -1.42 -20.20
N ALA A 45 7.12 -2.07 -21.21
CA ALA A 45 7.85 -3.32 -21.01
C ALA A 45 9.05 -3.17 -20.08
N SER A 46 9.65 -1.99 -20.07
CA SER A 46 10.82 -1.72 -19.23
C SER A 46 10.48 -1.34 -17.78
N CYS A 47 9.21 -1.04 -17.51
CA CYS A 47 8.76 -0.71 -16.16
C CYS A 47 8.57 -1.99 -15.36
N LEU A 48 9.03 -1.98 -14.11
CA LEU A 48 9.00 -3.18 -13.26
C LEU A 48 7.64 -3.90 -13.25
N TYR A 49 6.58 -3.13 -12.99
CA TYR A 49 5.23 -3.69 -12.96
C TYR A 49 4.39 -3.23 -14.15
N GLY A 50 5.07 -2.79 -15.21
CA GLY A 50 4.42 -2.37 -16.45
C GLY A 50 3.56 -1.11 -16.31
N GLN A 51 3.85 -0.30 -15.30
CA GLN A 51 3.04 0.87 -14.98
C GLN A 51 3.86 2.10 -14.56
N LEU A 52 3.20 3.25 -14.57
CA LEU A 52 3.77 4.50 -14.07
C LEU A 52 2.98 4.92 -12.82
N PRO A 53 3.55 5.82 -11.98
CA PRO A 53 4.81 6.57 -12.12
C PRO A 53 6.09 5.76 -12.02
N LYS A 54 7.10 6.27 -12.72
CA LYS A 54 8.49 5.87 -12.54
C LYS A 54 9.20 7.10 -11.95
N PHE A 55 10.11 6.85 -11.02
CA PHE A 55 10.78 7.94 -10.31
C PHE A 55 12.28 7.67 -10.25
N GLN A 56 13.06 8.72 -10.47
CA GLN A 56 14.52 8.62 -10.38
C GLN A 56 15.05 9.55 -9.30
N ASP A 57 15.89 9.01 -8.43
CA ASP A 57 16.65 9.80 -7.45
C ASP A 57 18.11 9.44 -7.66
N GLY A 58 18.81 10.26 -8.45
CA GLY A 58 20.11 9.86 -8.97
C GLY A 58 19.95 8.57 -9.75
N ASP A 59 20.79 7.58 -9.46
CA ASP A 59 20.74 6.30 -10.17
C ASP A 59 19.74 5.29 -9.55
N LEU A 60 19.02 5.73 -8.53
CA LEU A 60 17.98 4.90 -7.93
C LEU A 60 16.66 5.05 -8.69
N THR A 61 16.23 3.98 -9.35
CA THR A 61 14.98 4.00 -10.10
C THR A 61 13.90 3.26 -9.32
N LEU A 62 12.82 3.98 -9.01
CA LEU A 62 11.71 3.44 -8.25
C LEU A 62 10.42 3.40 -9.06
N TYR A 63 9.57 2.44 -8.73
CA TYR A 63 8.18 2.40 -9.18
C TYR A 63 7.32 2.31 -7.94
N GLN A 64 6.01 2.51 -8.10
CA GLN A 64 5.01 2.49 -7.02
C GLN A 64 4.90 3.84 -6.32
N SER A 65 3.75 4.49 -6.50
CA SER A 65 3.51 5.85 -5.97
C SER A 65 3.79 5.96 -4.47
N ASN A 66 3.35 4.96 -3.70
CA ASN A 66 3.57 4.96 -2.25
C ASN A 66 5.01 4.68 -1.84
N THR A 67 5.74 3.95 -2.69
CA THR A 67 7.18 3.75 -2.50
C THR A 67 7.89 5.10 -2.65
N ILE A 68 7.50 5.86 -3.66
CA ILE A 68 8.06 7.20 -3.89
C ILE A 68 7.75 8.11 -2.70
N LEU A 69 6.50 8.09 -2.23
CA LEU A 69 6.12 8.87 -1.05
C LEU A 69 6.94 8.51 0.19
N ARG A 70 7.08 7.21 0.46
CA ARG A 70 7.84 6.75 1.63
C ARG A 70 9.33 7.08 1.52
N HIS A 71 9.87 6.98 0.31
CA HIS A 71 11.28 7.31 0.07
C HIS A 71 11.55 8.77 0.35
N LEU A 72 10.72 9.65 -0.21
CA LEU A 72 10.84 11.09 0.03
C LEU A 72 10.55 11.40 1.50
N GLY A 73 9.58 10.69 2.08
CA GLY A 73 9.25 10.84 3.50
C GLY A 73 10.43 10.57 4.42
N ARG A 74 11.10 9.45 4.20
CA ARG A 74 12.26 9.08 5.01
C ARG A 74 13.42 10.05 4.80
N THR A 75 13.72 10.32 3.54
CA THR A 75 14.89 11.15 3.18
C THR A 75 14.75 12.61 3.60
N LEU A 76 13.53 13.15 3.52
CA LEU A 76 13.28 14.57 3.83
C LEU A 76 12.74 14.82 5.24
N GLY A 77 12.71 13.77 6.06
CA GLY A 77 12.27 13.88 7.46
C GLY A 77 10.79 14.12 7.63
N LEU A 78 9.98 13.41 6.84
CA LEU A 78 8.52 13.54 6.85
C LEU A 78 7.88 12.19 7.16
N TYR A 79 8.39 11.52 8.18
CA TYR A 79 7.99 10.15 8.50
C TYR A 79 7.89 9.95 10.02
N GLY A 80 7.45 10.99 10.73
CA GLY A 80 7.29 10.94 12.18
C GLY A 80 8.58 11.23 12.94
N LYS A 81 8.45 11.45 14.24
CA LYS A 81 9.60 11.77 15.10
C LYS A 81 10.30 10.52 15.62
N ASP A 82 9.59 9.39 15.63
CA ASP A 82 10.11 8.13 16.13
C ASP A 82 9.42 6.92 15.48
N GLN A 83 9.77 5.71 15.93
CA GLN A 83 9.24 4.48 15.34
C GLN A 83 7.74 4.33 15.49
N GLN A 84 7.20 4.71 16.65
CA GLN A 84 5.76 4.65 16.89
C GLN A 84 4.98 5.59 15.96
N GLU A 85 5.49 6.82 15.80
CA GLU A 85 4.87 7.79 14.89
C GLU A 85 4.94 7.33 13.43
N ALA A 86 6.05 6.69 13.06
CA ALA A 86 6.20 6.12 11.72
C ALA A 86 5.09 5.12 11.41
N ALA A 87 4.78 4.26 12.39
CA ALA A 87 3.69 3.29 12.26
C ALA A 87 2.34 3.97 12.05
N LEU A 88 2.09 5.04 12.80
CA LEU A 88 0.84 5.80 12.68
C LEU A 88 0.72 6.48 11.32
N VAL A 89 1.86 6.96 10.80
CA VAL A 89 1.93 7.57 9.47
C VAL A 89 1.57 6.53 8.40
N ASP A 90 2.16 5.33 8.51
CA ASP A 90 1.83 4.21 7.63
C ASP A 90 0.34 3.85 7.68
N MET A 91 -0.20 3.82 8.90
CA MET A 91 -1.62 3.48 9.10
C MET A 91 -2.54 4.45 8.35
N VAL A 92 -2.21 5.74 8.42
CA VAL A 92 -2.94 6.75 7.66
C VAL A 92 -2.79 6.54 6.16
N ASN A 93 -1.54 6.38 5.69
CA ASN A 93 -1.32 6.26 4.24
C ASN A 93 -2.00 5.04 3.61
N ASP A 94 -1.97 3.91 4.32
CA ASP A 94 -2.65 2.70 3.86
C ASP A 94 -4.17 2.91 3.73
N GLY A 95 -4.74 3.66 4.67
CA GLY A 95 -6.15 4.05 4.61
C GLY A 95 -6.44 4.94 3.41
N VAL A 96 -5.57 5.91 3.17
CA VAL A 96 -5.68 6.79 2.01
C VAL A 96 -5.61 5.99 0.70
N GLU A 97 -4.64 5.06 0.63
CA GLU A 97 -4.48 4.20 -0.54
C GLU A 97 -5.74 3.36 -0.80
N ASP A 98 -6.30 2.79 0.26
CA ASP A 98 -7.54 2.00 0.16
C ASP A 98 -8.68 2.80 -0.49
N LEU A 99 -8.89 4.02 -0.03
CA LEU A 99 -9.94 4.86 -0.60
C LEU A 99 -9.59 5.31 -2.02
N ARG A 100 -8.30 5.59 -2.25
CA ARG A 100 -7.84 5.97 -3.59
C ARG A 100 -8.10 4.88 -4.63
N CYS A 101 -7.94 3.61 -4.23
CA CYS A 101 -8.22 2.49 -5.12
C CYS A 101 -9.69 2.43 -5.48
N LYS A 102 -10.56 2.65 -4.50
CA LYS A 102 -12.00 2.70 -4.73
C LYS A 102 -12.36 3.86 -5.65
N TYR A 103 -11.74 5.02 -5.40
CA TYR A 103 -11.92 6.22 -6.24
C TYR A 103 -11.52 5.93 -7.68
N ALA A 104 -10.33 5.36 -7.86
CA ALA A 104 -9.81 5.05 -9.20
C ALA A 104 -10.71 4.06 -9.95
N SER A 105 -11.20 3.05 -9.23
CA SER A 105 -12.12 2.06 -9.82
C SER A 105 -13.40 2.70 -10.33
N LEU A 106 -13.93 3.65 -9.56
CA LEU A 106 -15.11 4.42 -9.97
C LEU A 106 -14.81 5.22 -11.23
N ILE A 107 -13.79 6.07 -11.16
CA ILE A 107 -13.40 6.95 -12.27
C ILE A 107 -13.18 6.16 -13.58
N TYR A 108 -12.40 5.10 -13.51
CA TYR A 108 -11.93 4.41 -14.72
C TYR A 108 -12.79 3.23 -15.21
N THR A 109 -13.60 2.66 -14.32
CA THR A 109 -14.35 1.45 -14.69
C THR A 109 -15.88 1.53 -14.55
N ASN A 110 -16.36 2.50 -13.80
CA ASN A 110 -17.77 2.50 -13.43
C ASN A 110 -18.22 3.85 -12.91
N TYR A 111 -18.01 4.90 -13.71
CA TYR A 111 -18.39 6.26 -13.27
C TYR A 111 -19.90 6.49 -13.23
N GLU A 112 -20.56 6.40 -14.38
CA GLU A 112 -21.98 6.73 -14.48
C GLU A 112 -22.86 5.84 -13.59
N ALA A 113 -22.62 4.53 -13.63
CA ALA A 113 -23.42 3.56 -12.87
C ALA A 113 -23.12 3.54 -11.38
N GLY A 114 -21.88 3.87 -11.01
CA GLY A 114 -21.43 3.74 -9.63
C GLY A 114 -21.37 4.99 -8.77
N LYS A 115 -21.48 6.16 -9.39
CA LYS A 115 -21.31 7.44 -8.69
C LYS A 115 -22.26 7.64 -7.51
N ASP A 116 -23.55 7.42 -7.73
CA ASP A 116 -24.56 7.58 -6.66
C ASP A 116 -24.24 6.75 -5.42
N ASP A 117 -23.96 5.47 -5.63
CA ASP A 117 -23.60 4.55 -4.54
C ASP A 117 -22.29 4.97 -3.87
N TYR A 118 -21.30 5.38 -4.67
CA TYR A 118 -20.01 5.84 -4.15
C TYR A 118 -20.16 7.07 -3.25
N VAL A 119 -20.92 8.06 -3.70
CA VAL A 119 -21.12 9.30 -2.95
C VAL A 119 -21.89 9.04 -1.65
N LYS A 120 -22.83 8.09 -1.70
CA LYS A 120 -23.57 7.66 -0.51
C LYS A 120 -22.65 7.01 0.53
N ALA A 121 -21.69 6.22 0.06
CA ALA A 121 -20.75 5.52 0.93
C ALA A 121 -19.62 6.43 1.43
N LEU A 122 -19.43 7.57 0.76
CA LEU A 122 -18.29 8.45 1.01
C LEU A 122 -18.10 8.97 2.45
N PRO A 123 -19.19 9.46 3.11
CA PRO A 123 -19.01 9.93 4.49
C PRO A 123 -18.42 8.87 5.43
N GLY A 124 -18.88 7.62 5.31
CA GLY A 124 -18.35 6.50 6.09
C GLY A 124 -16.88 6.22 5.80
N GLN A 125 -16.45 6.54 4.58
CA GLN A 125 -15.06 6.36 4.16
C GLN A 125 -14.13 7.48 4.63
N LEU A 126 -14.70 8.67 4.81
CA LEU A 126 -13.91 9.85 5.22
C LEU A 126 -13.83 9.99 6.73
N LYS A 127 -14.85 9.51 7.43
CA LYS A 127 -14.95 9.63 8.90
C LYS A 127 -13.68 9.22 9.69
N PRO A 128 -13.04 8.08 9.32
CA PRO A 128 -11.83 7.69 10.06
C PRO A 128 -10.73 8.77 10.13
N PHE A 129 -10.58 9.56 9.06
CA PHE A 129 -9.58 10.62 9.02
C PHE A 129 -9.96 11.82 9.89
N GLU A 130 -11.25 12.11 9.94
CA GLU A 130 -11.79 13.10 10.88
C GLU A 130 -11.51 12.65 12.33
N THR A 131 -11.77 11.37 12.59
CA THR A 131 -11.51 10.77 13.91
C THR A 131 -10.04 10.92 14.32
N LEU A 132 -9.14 10.59 13.41
CA LEU A 132 -7.70 10.73 13.64
C LEU A 132 -7.29 12.17 13.95
N LEU A 133 -7.84 13.12 13.20
CA LEU A 133 -7.60 14.54 13.47
C LEU A 133 -8.09 14.93 14.86
N SER A 134 -9.30 14.49 15.22
CA SER A 134 -9.89 14.81 16.53
C SER A 134 -9.07 14.29 17.71
N GLN A 135 -8.31 13.23 17.48
CA GLN A 135 -7.51 12.59 18.53
C GLN A 135 -6.05 13.09 18.55
N ASN A 136 -5.74 14.05 17.69
CA ASN A 136 -4.40 14.63 17.63
C ASN A 136 -4.43 16.16 17.75
N GLN A 137 -4.25 16.66 18.97
CA GLN A 137 -4.24 18.10 19.27
C GLN A 137 -5.48 18.83 18.71
N GLY A 138 -6.65 18.19 18.85
CA GLY A 138 -7.92 18.75 18.40
C GLY A 138 -8.04 19.00 16.91
N GLY A 139 -7.18 18.36 16.12
CA GLY A 139 -7.18 18.50 14.66
C GLY A 139 -6.52 19.77 14.15
N LYS A 140 -5.79 20.45 15.02
CA LYS A 140 -5.26 21.79 14.71
C LYS A 140 -3.90 21.79 14.01
N THR A 141 -3.28 20.62 13.89
CA THR A 141 -1.96 20.52 13.30
C THR A 141 -1.98 19.59 12.08
N PHE A 142 -1.44 18.39 12.25
CA PHE A 142 -1.29 17.45 11.14
C PHE A 142 -2.01 16.13 11.44
N ILE A 143 -1.98 15.19 10.49
CA ILE A 143 -2.70 13.93 10.67
C ILE A 143 -2.04 13.02 11.71
N VAL A 144 -0.71 13.07 11.79
CA VAL A 144 0.06 12.36 12.82
C VAL A 144 1.07 13.32 13.43
N GLY A 145 1.03 13.45 14.76
CA GLY A 145 2.01 14.25 15.51
C GLY A 145 1.92 15.74 15.24
N ASP A 146 3.03 16.43 15.50
CA ASP A 146 3.07 17.90 15.37
C ASP A 146 3.92 18.40 14.20
N GLN A 147 4.30 17.48 13.30
CA GLN A 147 5.01 17.84 12.08
C GLN A 147 4.41 17.14 10.87
N ILE A 148 4.54 17.77 9.70
CA ILE A 148 3.98 17.23 8.45
C ILE A 148 4.66 15.92 8.05
N SER A 149 3.87 15.00 7.49
CA SER A 149 4.38 13.72 7.00
C SER A 149 3.96 13.51 5.56
N PHE A 150 4.53 12.51 4.89
CA PHE A 150 4.11 12.19 3.53
C PHE A 150 2.62 11.83 3.48
N ALA A 151 2.09 11.30 4.59
CA ALA A 151 0.67 10.95 4.68
C ALA A 151 -0.24 12.17 4.59
N ASP A 152 0.23 13.32 5.11
CA ASP A 152 -0.52 14.58 4.99
C ASP A 152 -0.74 14.97 3.54
N TYR A 153 0.33 14.90 2.74
CA TYR A 153 0.25 15.24 1.32
C TYR A 153 -0.70 14.31 0.57
N ASN A 154 -0.61 13.00 0.87
CA ASN A 154 -1.48 12.00 0.24
C ASN A 154 -2.94 12.19 0.65
N LEU A 155 -3.19 12.36 1.94
CA LEU A 155 -4.54 12.66 2.44
C LEU A 155 -5.07 13.95 1.83
N LEU A 156 -4.26 15.00 1.80
CA LEU A 156 -4.69 16.28 1.23
C LEU A 156 -5.19 16.13 -0.20
N ASP A 157 -4.43 15.41 -1.03
CA ASP A 157 -4.85 15.17 -2.42
C ASP A 157 -6.17 14.41 -2.48
N LEU A 158 -6.26 13.34 -1.69
CA LEU A 158 -7.48 12.54 -1.60
C LEU A 158 -8.70 13.40 -1.30
N LEU A 159 -8.53 14.33 -0.34
CA LEU A 159 -9.62 15.23 0.05
C LEU A 159 -9.97 16.23 -1.06
N LEU A 160 -8.94 16.78 -1.70
CA LEU A 160 -9.15 17.75 -2.78
C LEU A 160 -9.93 17.17 -3.94
N ILE A 161 -9.55 15.96 -4.37
CA ILE A 161 -10.20 15.32 -5.51
C ILE A 161 -11.63 14.86 -5.19
N HIS A 162 -11.87 14.53 -3.93
CA HIS A 162 -13.22 14.14 -3.49
C HIS A 162 -14.17 15.33 -3.38
N GLU A 163 -13.62 16.51 -3.09
CA GLU A 163 -14.41 17.74 -3.13
C GLU A 163 -14.84 18.10 -4.55
N VAL A 164 -14.02 17.72 -5.53
CA VAL A 164 -14.38 17.89 -6.95
C VAL A 164 -15.46 16.87 -7.34
N LEU A 165 -15.31 15.64 -6.88
CA LEU A 165 -16.25 14.56 -7.18
C LEU A 165 -17.61 14.76 -6.50
N ALA A 166 -17.56 15.16 -5.23
CA ALA A 166 -18.75 15.36 -4.42
C ALA A 166 -18.64 16.68 -3.65
N PRO A 167 -18.93 17.80 -4.34
CA PRO A 167 -18.87 19.11 -3.70
C PRO A 167 -19.62 19.16 -2.37
N GLY A 168 -18.94 19.64 -1.33
CA GLY A 168 -19.53 19.75 -0.01
C GLY A 168 -19.43 18.49 0.84
N CYS A 169 -18.64 17.52 0.39
CA CYS A 169 -18.47 16.28 1.17
C CYS A 169 -17.84 16.53 2.54
N LEU A 170 -17.06 17.59 2.66
CA LEU A 170 -16.43 17.96 3.93
C LEU A 170 -17.28 18.85 4.85
N ASP A 171 -18.50 19.17 4.41
CA ASP A 171 -19.46 19.89 5.26
C ASP A 171 -19.77 19.11 6.53
N ALA A 172 -19.70 17.77 6.44
CA ALA A 172 -19.96 16.89 7.56
C ALA A 172 -18.74 16.69 8.46
N PHE A 173 -17.60 17.23 8.03
CA PHE A 173 -16.31 16.99 8.69
C PHE A 173 -15.52 18.28 8.92
N PRO A 174 -15.84 19.01 10.00
CA PRO A 174 -15.25 20.33 10.29
C PRO A 174 -13.72 20.32 10.39
N LEU A 175 -13.16 19.28 10.99
CA LEU A 175 -11.71 19.20 11.16
C LEU A 175 -11.00 18.94 9.83
N LEU A 176 -11.53 18.04 9.02
CA LEU A 176 -11.01 17.79 7.68
C LEU A 176 -11.09 19.03 6.79
N SER A 177 -12.20 19.77 6.91
CA SER A 177 -12.41 20.99 6.13
CA SER A 177 -12.41 20.99 6.13
C SER A 177 -11.35 22.04 6.45
N ALA A 178 -11.15 22.32 7.73
CA ALA A 178 -10.17 23.30 8.19
C ALA A 178 -8.74 22.85 7.86
N TYR A 179 -8.52 21.54 7.95
CA TYR A 179 -7.24 20.91 7.62
C TYR A 179 -6.84 21.17 6.16
N VAL A 180 -7.79 21.00 5.24
CA VAL A 180 -7.56 21.26 3.81
C VAL A 180 -7.21 22.72 3.58
N GLY A 181 -7.97 23.63 4.19
CA GLY A 181 -7.71 25.06 4.07
C GLY A 181 -6.34 25.44 4.62
N ARG A 182 -6.00 24.89 5.77
CA ARG A 182 -4.74 25.18 6.45
C ARG A 182 -3.51 24.71 5.65
N LEU A 183 -3.53 23.44 5.23
CA LEU A 183 -2.41 22.89 4.46
C LEU A 183 -2.28 23.53 3.08
N SER A 184 -3.42 23.80 2.43
CA SER A 184 -3.43 24.48 1.13
C SER A 184 -2.87 25.90 1.19
N ALA A 185 -2.89 26.50 2.39
CA ALA A 185 -2.42 27.87 2.60
C ALA A 185 -0.92 27.97 2.87
N ARG A 186 -0.26 26.84 3.09
CA ARG A 186 1.20 26.81 3.21
C ARG A 186 1.80 27.46 1.95
N PRO A 187 2.60 28.53 2.12
CA PRO A 187 3.01 29.39 1.00
C PRO A 187 3.56 28.69 -0.25
N LYS A 188 4.51 27.78 -0.08
CA LYS A 188 5.08 27.07 -1.24
C LYS A 188 4.05 26.17 -1.92
N LEU A 189 3.22 25.52 -1.10
CA LEU A 189 2.16 24.65 -1.60
C LEU A 189 1.05 25.45 -2.29
N LYS A 190 0.66 26.56 -1.68
CA LYS A 190 -0.32 27.49 -2.24
C LYS A 190 0.09 27.93 -3.65
N ALA A 191 1.35 28.35 -3.79
CA ALA A 191 1.89 28.77 -5.08
C ALA A 191 1.88 27.64 -6.11
N PHE A 192 2.25 26.44 -5.68
CA PHE A 192 2.25 25.28 -6.56
C PHE A 192 0.84 24.93 -7.05
N LEU A 193 -0.11 24.86 -6.12
CA LEU A 193 -1.50 24.54 -6.46
C LEU A 193 -2.15 25.54 -7.43
N ALA A 194 -1.68 26.79 -7.39
CA ALA A 194 -2.21 27.85 -8.24
C ALA A 194 -1.50 27.94 -9.60
N SER A 195 -0.39 27.20 -9.74
CA SER A 195 0.48 27.31 -10.92
C SER A 195 -0.05 26.51 -12.10
N PRO A 196 0.23 26.98 -13.34
CA PRO A 196 -0.11 26.22 -14.56
C PRO A 196 0.37 24.77 -14.54
N GLU A 197 1.55 24.55 -13.97
CA GLU A 197 2.14 23.22 -13.81
C GLU A 197 1.17 22.20 -13.18
N TYR A 198 0.36 22.69 -12.26
CA TYR A 198 -0.63 21.87 -11.57
C TYR A 198 -2.02 22.03 -12.19
N VAL A 199 -2.46 23.28 -12.36
CA VAL A 199 -3.82 23.58 -12.81
C VAL A 199 -4.13 23.05 -14.21
N ASN A 200 -3.16 23.11 -15.11
CA ASN A 200 -3.40 22.71 -16.50
C ASN A 200 -3.32 21.20 -16.77
N LEU A 201 -3.07 20.42 -15.72
CA LEU A 201 -3.20 18.97 -15.81
C LEU A 201 -4.58 18.53 -15.30
N PRO A 202 -5.21 17.56 -15.99
CA PRO A 202 -6.45 17.00 -15.48
C PRO A 202 -6.18 16.12 -14.27
N ILE A 203 -7.18 15.94 -13.42
CA ILE A 203 -7.06 15.07 -12.24
C ILE A 203 -6.80 13.62 -12.67
N ASN A 204 -7.55 13.18 -13.66
CA ASN A 204 -7.51 11.80 -14.14
C ASN A 204 -7.22 11.71 -15.64
N GLY A 205 -7.02 10.49 -16.13
CA GLY A 205 -6.60 10.27 -17.52
C GLY A 205 -7.70 10.05 -18.54
N ASN A 206 -8.96 10.07 -18.07
CA ASN A 206 -10.11 9.79 -18.94
C ASN A 206 -11.12 10.95 -18.99
N GLY A 207 -10.71 12.11 -18.49
CA GLY A 207 -11.55 13.31 -18.51
C GLY A 207 -12.74 13.27 -17.55
N LYS A 208 -12.71 12.34 -16.61
CA LYS A 208 -13.76 12.23 -15.59
C LYS A 208 -13.22 12.68 -14.24
N GLN A 209 -14.10 13.27 -13.43
CA GLN A 209 -13.72 13.81 -12.12
C GLN A 209 -14.95 14.00 -11.22
N PRO B 2 4.93 -7.88 24.29
CA PRO B 2 4.25 -8.96 23.59
C PRO B 2 3.23 -8.48 22.57
N TYR B 3 2.97 -9.34 21.58
CA TYR B 3 2.10 -9.00 20.46
C TYR B 3 0.77 -9.73 20.53
N THR B 4 -0.28 -9.10 20.02
CA THR B 4 -1.58 -9.73 19.84
C THR B 4 -2.09 -9.51 18.41
N VAL B 5 -2.48 -10.60 17.76
CA VAL B 5 -3.08 -10.56 16.42
C VAL B 5 -4.58 -10.81 16.53
N VAL B 6 -5.37 -9.83 16.10
CA VAL B 6 -6.84 -9.93 16.15
C VAL B 6 -7.38 -10.13 14.73
N TYR B 7 -7.95 -11.30 14.47
CA TYR B 7 -8.36 -11.67 13.11
C TYR B 7 -9.39 -12.79 13.07
N PHE B 8 -10.01 -12.96 11.91
CA PHE B 8 -10.88 -14.10 11.62
C PHE B 8 -10.05 -15.41 11.57
N PRO B 9 -10.70 -16.58 11.76
CA PRO B 9 -9.96 -17.84 11.65
C PRO B 9 -9.62 -18.16 10.20
N VAL B 10 -8.74 -17.34 9.64
CA VAL B 10 -8.29 -17.49 8.25
CA VAL B 10 -8.33 -17.37 8.23
C VAL B 10 -6.84 -17.00 8.16
N ARG B 11 -6.13 -17.50 7.15
CA ARG B 11 -4.76 -17.07 6.90
C ARG B 11 -4.80 -15.63 6.36
N GLY B 12 -5.33 -15.47 5.15
CA GLY B 12 -5.61 -14.15 4.56
C GLY B 12 -4.50 -13.13 4.72
N ARG B 13 -4.86 -11.96 5.25
CA ARG B 13 -3.95 -10.83 5.39
C ARG B 13 -3.09 -10.84 6.65
N CYS B 14 -3.18 -11.93 7.42
CA CYS B 14 -2.32 -12.12 8.59
C CYS B 14 -1.26 -13.19 8.37
N ALA B 15 -1.36 -13.91 7.24
CA ALA B 15 -0.45 -15.00 6.94
C ALA B 15 1.02 -14.57 6.94
N ALA B 16 1.33 -13.50 6.20
CA ALA B 16 2.71 -12.99 6.09
C ALA B 16 3.28 -12.52 7.43
N LEU B 17 2.51 -11.72 8.17
CA LEU B 17 2.99 -11.20 9.46
C LEU B 17 3.21 -12.30 10.50
N ARG B 18 2.37 -13.35 10.44
CA ARG B 18 2.53 -14.52 11.30
C ARG B 18 3.81 -15.26 10.99
N MET B 19 4.09 -15.44 9.69
CA MET B 19 5.33 -16.08 9.23
CA MET B 19 5.32 -16.08 9.23
C MET B 19 6.54 -15.29 9.71
N LEU B 20 6.45 -13.97 9.63
CA LEU B 20 7.51 -13.07 10.09
C LEU B 20 7.76 -13.30 11.57
N LEU B 21 6.71 -13.24 12.38
CA LEU B 21 6.82 -13.40 13.83
C LEU B 21 7.38 -14.78 14.21
N ALA B 22 6.87 -15.82 13.55
CA ALA B 22 7.33 -17.20 13.80
C ALA B 22 8.82 -17.35 13.47
N ASP B 23 9.21 -16.91 12.27
CA ASP B 23 10.58 -17.06 11.81
C ASP B 23 11.57 -16.25 12.66
N GLN B 24 11.10 -15.12 13.19
CA GLN B 24 11.94 -14.23 14.02
C GLN B 24 11.95 -14.65 15.49
N GLY B 25 11.31 -15.78 15.80
CA GLY B 25 11.27 -16.30 17.16
C GLY B 25 10.54 -15.40 18.14
N GLN B 26 9.52 -14.71 17.64
CA GLN B 26 8.72 -13.80 18.46
C GLN B 26 7.48 -14.51 18.96
N SER B 27 7.11 -14.26 20.21
CA SER B 27 5.88 -14.81 20.77
C SER B 27 4.71 -13.88 20.46
N TRP B 28 3.54 -14.46 20.20
CA TRP B 28 2.32 -13.67 20.06
C TRP B 28 1.06 -14.42 20.50
N LYS B 29 0.02 -13.63 20.77
CA LYS B 29 -1.29 -14.14 21.14
C LYS B 29 -2.23 -13.98 19.95
N GLU B 30 -3.05 -15.00 19.70
CA GLU B 30 -4.09 -14.92 18.67
C GLU B 30 -5.44 -14.68 19.33
N GLU B 31 -6.08 -13.57 18.95
CA GLU B 31 -7.46 -13.32 19.33
C GLU B 31 -8.35 -13.62 18.13
N VAL B 32 -8.97 -14.79 18.15
CA VAL B 32 -9.76 -15.28 17.03
C VAL B 32 -11.18 -14.71 17.10
N VAL B 33 -11.56 -13.97 16.06
CA VAL B 33 -12.89 -13.37 15.96
C VAL B 33 -13.74 -14.18 14.98
N THR B 34 -14.82 -14.76 15.47
CA THR B 34 -15.74 -15.50 14.60
C THR B 34 -16.60 -14.54 13.78
N VAL B 35 -17.11 -15.03 12.66
CA VAL B 35 -18.00 -14.25 11.79
C VAL B 35 -19.25 -13.81 12.55
N GLU B 36 -19.76 -14.68 13.43
CA GLU B 36 -20.91 -14.35 14.27
C GLU B 36 -20.62 -13.18 15.20
N THR B 37 -19.47 -13.23 15.88
CA THR B 37 -19.03 -12.15 16.76
C THR B 37 -18.86 -10.84 15.98
N TRP B 38 -18.27 -10.94 14.79
CA TRP B 38 -18.07 -9.79 13.91
C TRP B 38 -19.39 -9.18 13.45
N GLN B 39 -20.36 -10.03 13.11
CA GLN B 39 -21.67 -9.59 12.65
C GLN B 39 -22.50 -8.92 13.73
N GLU B 40 -22.12 -9.14 14.99
CA GLU B 40 -22.74 -8.46 16.13
C GLU B 40 -22.49 -6.94 16.05
N GLY B 41 -21.29 -6.55 15.60
CA GLY B 41 -21.03 -5.17 15.22
C GLY B 41 -20.15 -4.32 16.11
N SER B 42 -20.02 -4.68 17.39
CA SER B 42 -19.31 -3.83 18.36
C SER B 42 -17.81 -3.69 18.10
N LEU B 43 -17.14 -4.80 17.81
CA LEU B 43 -15.71 -4.77 17.50
C LEU B 43 -15.44 -4.00 16.21
N LYS B 44 -16.24 -4.28 15.17
CA LYS B 44 -16.14 -3.59 13.88
C LYS B 44 -16.22 -2.07 14.02
N ALA B 45 -17.23 -1.59 14.75
CA ALA B 45 -17.42 -0.16 14.99
C ALA B 45 -16.21 0.48 15.68
N SER B 46 -15.50 -0.29 16.50
CA SER B 46 -14.33 0.21 17.24
C SER B 46 -13.03 0.19 16.41
N CYS B 47 -13.05 -0.48 15.28
CA CYS B 47 -11.89 -0.56 14.39
C CYS B 47 -11.77 0.69 13.54
N LEU B 48 -10.54 1.20 13.39
CA LEU B 48 -10.31 2.48 12.71
C LEU B 48 -10.97 2.57 11.34
N TYR B 49 -10.76 1.54 10.51
CA TYR B 49 -11.35 1.49 9.17
C TYR B 49 -12.44 0.41 9.08
N GLY B 50 -12.97 0.02 10.25
CA GLY B 50 -14.04 -0.98 10.34
C GLY B 50 -13.64 -2.37 9.88
N GLN B 51 -12.34 -2.65 9.92
CA GLN B 51 -11.80 -3.91 9.40
C GLN B 51 -10.70 -4.53 10.26
N LEU B 52 -10.42 -5.81 10.02
CA LEU B 52 -9.31 -6.51 10.62
C LEU B 52 -8.26 -6.82 9.53
N PRO B 53 -7.01 -7.12 9.90
CA PRO B 53 -6.45 -7.33 11.25
C PRO B 53 -6.36 -6.07 12.13
N LYS B 54 -6.48 -6.31 13.43
CA LYS B 54 -6.12 -5.36 14.47
C LYS B 54 -4.90 -5.96 15.17
N PHE B 55 -3.95 -5.11 15.54
CA PHE B 55 -2.67 -5.57 16.09
C PHE B 55 -2.29 -4.76 17.32
N GLN B 56 -1.85 -5.44 18.36
CA GLN B 56 -1.41 -4.79 19.57
C GLN B 56 0.06 -5.07 19.85
N ASP B 57 0.83 -4.01 20.03
CA ASP B 57 2.23 -4.09 20.45
C ASP B 57 2.34 -3.31 21.75
N GLY B 58 2.19 -4.02 22.87
CA GLY B 58 2.07 -3.38 24.17
C GLY B 58 0.92 -2.41 24.18
N ASP B 59 1.20 -1.14 24.43
CA ASP B 59 0.20 -0.09 24.49
C ASP B 59 -0.19 0.47 23.11
N LEU B 60 0.58 0.10 22.08
CA LEU B 60 0.31 0.56 20.71
C LEU B 60 -0.71 -0.36 20.03
N THR B 61 -1.73 0.25 19.42
CA THR B 61 -2.74 -0.47 18.67
C THR B 61 -2.71 -0.04 17.21
N LEU B 62 -2.54 -1.01 16.31
CA LEU B 62 -2.45 -0.74 14.89
C LEU B 62 -3.52 -1.44 14.07
N TYR B 63 -3.83 -0.84 12.92
CA TYR B 63 -4.68 -1.45 11.89
C TYR B 63 -3.91 -1.37 10.59
N GLN B 64 -4.38 -2.11 9.58
CA GLN B 64 -3.77 -2.21 8.26
C GLN B 64 -2.62 -3.22 8.22
N SER B 65 -2.81 -4.30 7.47
CA SER B 65 -1.85 -5.40 7.40
C SER B 65 -0.43 -4.96 7.03
N ASN B 66 -0.30 -4.05 6.07
CA ASN B 66 1.01 -3.57 5.65
C ASN B 66 1.65 -2.59 6.64
N THR B 67 0.82 -1.89 7.41
CA THR B 67 1.31 -1.09 8.53
C THR B 67 1.95 -2.00 9.59
N ILE B 68 1.28 -3.12 9.89
CA ILE B 68 1.79 -4.11 10.83
C ILE B 68 3.13 -4.67 10.35
N LEU B 69 3.18 -5.08 9.08
CA LEU B 69 4.42 -5.57 8.47
C LEU B 69 5.55 -4.56 8.53
N ARG B 70 5.25 -3.31 8.16
CA ARG B 70 6.27 -2.23 8.19
C ARG B 70 6.72 -1.92 9.62
N HIS B 71 5.79 -1.99 10.56
CA HIS B 71 6.11 -1.76 11.98
C HIS B 71 7.07 -2.83 12.52
N LEU B 72 6.74 -4.09 12.25
CA LEU B 72 7.58 -5.21 12.64
C LEU B 72 8.93 -5.15 11.92
N GLY B 73 8.91 -4.79 10.63
CA GLY B 73 10.14 -4.60 9.85
C GLY B 73 11.05 -3.54 10.45
N ARG B 74 10.46 -2.41 10.80
CA ARG B 74 11.18 -1.27 11.37
C ARG B 74 11.80 -1.62 12.73
N THR B 75 10.98 -2.16 13.62
CA THR B 75 11.39 -2.41 15.00
C THR B 75 12.31 -3.63 15.16
N LEU B 76 12.21 -4.59 14.23
CA LEU B 76 13.02 -5.82 14.30
C LEU B 76 14.20 -5.85 13.31
N GLY B 77 14.38 -4.77 12.56
CA GLY B 77 15.51 -4.64 11.64
C GLY B 77 15.38 -5.50 10.38
N LEU B 78 14.16 -5.54 9.85
CA LEU B 78 13.86 -6.30 8.63
C LEU B 78 13.36 -5.33 7.55
N TYR B 79 14.13 -4.28 7.33
CA TYR B 79 13.72 -3.19 6.43
C TYR B 79 14.91 -2.67 5.63
N GLY B 80 15.83 -3.57 5.27
CA GLY B 80 17.01 -3.19 4.49
C GLY B 80 18.09 -2.55 5.34
N LYS B 81 19.28 -2.39 4.75
CA LYS B 81 20.45 -1.89 5.48
C LYS B 81 20.55 -0.37 5.52
N ASP B 82 19.84 0.28 4.59
CA ASP B 82 19.87 1.73 4.43
C ASP B 82 18.61 2.23 3.73
N GLN B 83 18.53 3.55 3.50
CA GLN B 83 17.37 4.14 2.84
C GLN B 83 17.12 3.59 1.44
N GLN B 84 18.20 3.38 0.69
CA GLN B 84 18.12 2.85 -0.66
C GLN B 84 17.43 1.47 -0.65
N GLU B 85 17.89 0.58 0.21
CA GLU B 85 17.29 -0.75 0.34
C GLU B 85 15.86 -0.69 0.87
N ALA B 86 15.63 0.20 1.84
CA ALA B 86 14.29 0.43 2.37
C ALA B 86 13.29 0.78 1.27
N ALA B 87 13.72 1.65 0.35
CA ALA B 87 12.90 2.01 -0.82
C ALA B 87 12.60 0.80 -1.70
N LEU B 88 13.61 -0.01 -1.95
CA LEU B 88 13.43 -1.24 -2.75
C LEU B 88 12.51 -2.24 -2.06
N VAL B 89 12.63 -2.35 -0.74
CA VAL B 89 11.73 -3.21 0.05
C VAL B 89 10.26 -2.76 -0.10
N ASP B 90 10.03 -1.46 -0.01
CA ASP B 90 8.70 -0.88 -0.22
C ASP B 90 8.17 -1.20 -1.62
N MET B 91 9.04 -1.05 -2.62
CA MET B 91 8.68 -1.31 -4.01
C MET B 91 8.23 -2.75 -4.23
N VAL B 92 8.93 -3.69 -3.60
CA VAL B 92 8.52 -5.10 -3.61
C VAL B 92 7.19 -5.26 -2.88
N ASN B 93 7.08 -4.74 -1.66
CA ASN B 93 5.85 -4.92 -0.89
C ASN B 93 4.60 -4.34 -1.56
N ASP B 94 4.74 -3.17 -2.17
CA ASP B 94 3.63 -2.53 -2.89
C ASP B 94 3.20 -3.38 -4.09
N GLY B 95 4.18 -3.97 -4.76
CA GLY B 95 3.91 -4.92 -5.85
C GLY B 95 3.15 -6.15 -5.38
N VAL B 96 3.59 -6.69 -4.24
CA VAL B 96 2.91 -7.83 -3.61
C VAL B 96 1.46 -7.45 -3.27
N GLU B 97 1.28 -6.28 -2.65
CA GLU B 97 -0.05 -5.77 -2.31
C GLU B 97 -0.97 -5.66 -3.53
N ASP B 98 -0.45 -5.11 -4.63
CA ASP B 98 -1.20 -4.97 -5.87
C ASP B 98 -1.76 -6.31 -6.36
N LEU B 99 -0.90 -7.33 -6.40
CA LEU B 99 -1.33 -8.65 -6.85
C LEU B 99 -2.25 -9.32 -5.82
N ARG B 100 -1.98 -9.09 -4.54
CA ARG B 100 -2.86 -9.60 -3.48
C ARG B 100 -4.29 -9.05 -3.63
N CYS B 101 -4.40 -7.77 -3.97
CA CYS B 101 -5.70 -7.15 -4.20
C CYS B 101 -6.45 -7.80 -5.37
N LYS B 102 -5.71 -8.09 -6.44
CA LYS B 102 -6.28 -8.76 -7.61
C LYS B 102 -6.73 -10.17 -7.24
N TYR B 103 -5.90 -10.87 -6.48
CA TYR B 103 -6.19 -12.20 -5.98
C TYR B 103 -7.45 -12.20 -5.11
N ALA B 104 -7.51 -11.30 -4.15
CA ALA B 104 -8.68 -11.17 -3.27
C ALA B 104 -9.95 -10.84 -4.05
N SER B 105 -9.84 -9.97 -5.05
CA SER B 105 -10.97 -9.63 -5.90
C SER B 105 -11.52 -10.86 -6.62
N LEU B 106 -10.61 -11.67 -7.18
CA LEU B 106 -10.97 -12.93 -7.81
C LEU B 106 -11.68 -13.86 -6.82
N ILE B 107 -11.02 -14.10 -5.68
CA ILE B 107 -11.52 -15.05 -4.67
C ILE B 107 -12.92 -14.68 -4.17
N TYR B 108 -13.12 -13.41 -3.83
CA TYR B 108 -14.34 -12.99 -3.15
C TYR B 108 -15.46 -12.45 -4.04
N THR B 109 -15.14 -12.05 -5.26
CA THR B 109 -16.13 -11.40 -6.13
C THR B 109 -16.38 -12.06 -7.50
N ASN B 110 -15.42 -12.84 -7.97
CA ASN B 110 -15.47 -13.34 -9.34
C ASN B 110 -14.55 -14.54 -9.55
N TYR B 111 -14.76 -15.58 -8.75
CA TYR B 111 -13.96 -16.80 -8.88
C TYR B 111 -14.31 -17.64 -10.11
N GLU B 112 -15.59 -17.97 -10.26
CA GLU B 112 -16.04 -18.87 -11.31
C GLU B 112 -15.83 -18.31 -12.71
N ALA B 113 -16.27 -17.07 -12.92
CA ALA B 113 -16.18 -16.42 -14.23
C ALA B 113 -14.79 -15.90 -14.55
N GLY B 114 -14.03 -15.53 -13.52
CA GLY B 114 -12.76 -14.83 -13.70
C GLY B 114 -11.46 -15.61 -13.57
N LYS B 115 -11.54 -16.84 -13.07
CA LYS B 115 -10.33 -17.65 -12.80
C LYS B 115 -9.47 -17.91 -14.04
N ASP B 116 -10.11 -18.29 -15.14
CA ASP B 116 -9.40 -18.58 -16.39
C ASP B 116 -8.55 -17.38 -16.87
N ASP B 117 -9.17 -16.20 -16.92
CA ASP B 117 -8.47 -14.98 -17.32
C ASP B 117 -7.35 -14.64 -16.34
N TYR B 118 -7.62 -14.81 -15.05
CA TYR B 118 -6.64 -14.53 -14.00
C TYR B 118 -5.39 -15.42 -14.13
N VAL B 119 -5.62 -16.72 -14.30
CA VAL B 119 -4.52 -17.68 -14.45
C VAL B 119 -3.73 -17.46 -15.74
N LYS B 120 -4.44 -17.10 -16.82
CA LYS B 120 -3.80 -16.77 -18.09
C LYS B 120 -2.86 -15.57 -17.95
N ALA B 121 -3.28 -14.59 -17.14
CA ALA B 121 -2.50 -13.37 -16.91
C ALA B 121 -1.41 -13.54 -15.85
N LEU B 122 -1.48 -14.62 -15.08
CA LEU B 122 -0.59 -14.84 -13.93
C LEU B 122 0.93 -14.82 -14.23
N PRO B 123 1.37 -15.49 -15.32
CA PRO B 123 2.81 -15.43 -15.62
C PRO B 123 3.37 -14.01 -15.66
N GLY B 124 2.67 -13.11 -16.34
CA GLY B 124 3.07 -11.71 -16.45
C GLY B 124 3.06 -10.95 -15.13
N GLN B 125 2.27 -11.44 -14.17
CA GLN B 125 2.18 -10.84 -12.84
C GLN B 125 3.30 -11.33 -11.91
N LEU B 126 3.82 -12.52 -12.19
CA LEU B 126 4.88 -13.11 -11.37
C LEU B 126 6.29 -12.78 -11.86
N LYS B 127 6.43 -12.55 -13.16
CA LYS B 127 7.73 -12.26 -13.76
C LYS B 127 8.53 -11.09 -13.15
N PRO B 128 7.84 -10.02 -12.70
CA PRO B 128 8.61 -8.93 -12.05
C PRO B 128 9.41 -9.40 -10.83
N PHE B 129 8.86 -10.35 -10.06
CA PHE B 129 9.55 -10.85 -8.87
C PHE B 129 10.73 -11.76 -9.21
N GLU B 130 10.60 -12.53 -10.29
CA GLU B 130 11.71 -13.30 -10.84
C GLU B 130 12.83 -12.37 -11.31
N THR B 131 12.44 -11.30 -12.01
CA THR B 131 13.40 -10.29 -12.48
C THR B 131 14.16 -9.64 -11.32
N LEU B 132 13.44 -9.25 -10.27
CA LEU B 132 14.05 -8.69 -9.07
C LEU B 132 15.09 -9.62 -8.44
N LEU B 133 14.74 -10.90 -8.31
CA LEU B 133 15.69 -11.90 -7.81
C LEU B 133 16.93 -11.99 -8.71
N SER B 134 16.72 -12.01 -10.03
CA SER B 134 17.81 -12.11 -11.00
C SER B 134 18.84 -10.98 -10.89
N GLN B 135 18.38 -9.83 -10.38
CA GLN B 135 19.18 -8.62 -10.30
C GLN B 135 19.80 -8.42 -8.90
N ASN B 136 19.48 -9.34 -8.00
CA ASN B 136 20.04 -9.30 -6.64
C ASN B 136 20.85 -10.56 -6.34
N GLN B 137 22.16 -10.49 -6.57
CA GLN B 137 23.09 -11.60 -6.29
C GLN B 137 22.62 -12.93 -6.92
N GLY B 138 22.13 -12.85 -8.15
CA GLY B 138 21.64 -14.02 -8.88
C GLY B 138 20.44 -14.73 -8.27
N GLY B 139 19.77 -14.07 -7.34
CA GLY B 139 18.59 -14.64 -6.68
C GLY B 139 18.91 -15.64 -5.59
N LYS B 140 20.14 -15.60 -5.09
CA LYS B 140 20.62 -16.60 -4.13
C LYS B 140 20.28 -16.30 -2.68
N THR B 141 19.86 -15.06 -2.40
CA THR B 141 19.59 -14.63 -1.04
C THR B 141 18.12 -14.25 -0.86
N PHE B 142 17.87 -12.95 -0.73
CA PHE B 142 16.53 -12.46 -0.44
C PHE B 142 16.06 -11.54 -1.57
N ILE B 143 14.85 -10.99 -1.44
CA ILE B 143 14.28 -10.18 -2.51
C ILE B 143 15.00 -8.82 -2.66
N VAL B 144 15.46 -8.29 -1.54
CA VAL B 144 16.25 -7.05 -1.51
C VAL B 144 17.46 -7.25 -0.60
N GLY B 145 18.65 -7.01 -1.14
CA GLY B 145 19.89 -7.09 -0.37
C GLY B 145 20.22 -8.50 0.09
N ASP B 146 21.04 -8.61 1.14
CA ASP B 146 21.47 -9.92 1.63
C ASP B 146 20.94 -10.27 3.03
N GLN B 147 19.90 -9.56 3.47
CA GLN B 147 19.20 -9.89 4.71
C GLN B 147 17.68 -9.92 4.48
N ILE B 148 16.98 -10.73 5.27
CA ILE B 148 15.54 -10.87 5.12
C ILE B 148 14.81 -9.57 5.50
N SER B 149 13.70 -9.32 4.81
CA SER B 149 12.88 -8.13 5.08
C SER B 149 11.41 -8.53 5.19
N PHE B 150 10.57 -7.63 5.70
CA PHE B 150 9.13 -7.94 5.81
C PHE B 150 8.54 -8.28 4.43
N ALA B 151 9.12 -7.71 3.37
CA ALA B 151 8.66 -7.96 2.00
C ALA B 151 8.88 -9.41 1.57
N ASP B 152 9.92 -10.05 2.09
CA ASP B 152 10.17 -11.47 1.81
C ASP B 152 9.02 -12.34 2.30
N TYR B 153 8.57 -12.10 3.53
CA TYR B 153 7.46 -12.85 4.10
C TYR B 153 6.17 -12.62 3.33
N ASN B 154 5.94 -11.37 2.92
CA ASN B 154 4.76 -11.04 2.12
C ASN B 154 4.79 -11.67 0.73
N LEU B 155 5.94 -11.58 0.06
CA LEU B 155 6.11 -12.23 -1.23
C LEU B 155 5.98 -13.75 -1.13
N LEU B 156 6.60 -14.33 -0.10
CA LEU B 156 6.53 -15.78 0.11
C LEU B 156 5.07 -16.23 0.21
N ASP B 157 4.27 -15.53 1.01
CA ASP B 157 2.86 -15.87 1.12
C ASP B 157 2.12 -15.77 -0.21
N LEU B 158 2.37 -14.68 -0.94
CA LEU B 158 1.79 -14.47 -2.26
C LEU B 158 2.08 -15.65 -3.18
N LEU B 159 3.34 -16.11 -3.16
CA LEU B 159 3.76 -17.22 -4.00
C LEU B 159 3.11 -18.54 -3.57
N LEU B 160 3.05 -18.77 -2.26
CA LEU B 160 2.43 -19.99 -1.73
C LEU B 160 0.94 -20.11 -2.08
N ILE B 161 0.20 -19.01 -1.92
CA ILE B 161 -1.24 -19.02 -2.22
C ILE B 161 -1.52 -19.13 -3.71
N HIS B 162 -0.60 -18.63 -4.53
CA HIS B 162 -0.73 -18.75 -5.98
C HIS B 162 -0.40 -20.15 -6.50
N GLU B 163 0.50 -20.86 -5.81
CA GLU B 163 0.75 -22.28 -6.09
C GLU B 163 -0.51 -23.13 -5.87
N VAL B 164 -1.33 -22.75 -4.89
CA VAL B 164 -2.58 -23.44 -4.61
C VAL B 164 -3.63 -23.11 -5.70
N LEU B 165 -3.70 -21.84 -6.08
CA LEU B 165 -4.65 -21.39 -7.09
C LEU B 165 -4.32 -21.93 -8.49
N ALA B 166 -3.05 -21.89 -8.84
CA ALA B 166 -2.57 -22.35 -10.14
C ALA B 166 -1.32 -23.21 -9.98
N PRO B 167 -1.52 -24.51 -9.64
CA PRO B 167 -0.38 -25.42 -9.46
C PRO B 167 0.58 -25.39 -10.65
N GLY B 168 1.87 -25.20 -10.35
CA GLY B 168 2.89 -25.16 -11.39
C GLY B 168 3.21 -23.76 -11.89
N CYS B 169 2.58 -22.74 -11.30
CA CYS B 169 2.77 -21.36 -11.74
C CYS B 169 4.21 -20.84 -11.59
N LEU B 170 5.02 -21.51 -10.76
CA LEU B 170 6.42 -21.13 -10.58
C LEU B 170 7.41 -21.96 -11.40
N ASP B 171 6.90 -22.97 -12.11
CA ASP B 171 7.77 -23.89 -12.86
C ASP B 171 8.66 -23.19 -13.89
N ALA B 172 8.14 -22.11 -14.49
CA ALA B 172 8.88 -21.34 -15.49
C ALA B 172 9.89 -20.37 -14.86
N PHE B 173 9.85 -20.26 -13.53
CA PHE B 173 10.66 -19.27 -12.81
C PHE B 173 11.58 -19.94 -11.79
N PRO B 174 12.82 -20.29 -12.22
CA PRO B 174 13.76 -21.02 -11.37
C PRO B 174 14.15 -20.31 -10.08
N LEU B 175 14.33 -18.99 -10.14
CA LEU B 175 14.72 -18.22 -8.95
C LEU B 175 13.61 -18.18 -7.90
N LEU B 176 12.38 -17.89 -8.35
CA LEU B 176 11.21 -17.91 -7.46
C LEU B 176 10.98 -19.29 -6.86
N SER B 177 11.11 -20.33 -7.67
CA SER B 177 10.98 -21.71 -7.21
C SER B 177 11.97 -22.05 -6.10
N ALA B 178 13.26 -21.77 -6.34
CA ALA B 178 14.32 -22.01 -5.36
C ALA B 178 14.16 -21.14 -4.09
N TYR B 179 13.72 -19.91 -4.30
CA TYR B 179 13.45 -18.94 -3.24
C TYR B 179 12.38 -19.44 -2.27
N VAL B 180 11.29 -19.95 -2.82
CA VAL B 180 10.19 -20.51 -2.00
C VAL B 180 10.71 -21.68 -1.17
N GLY B 181 11.44 -22.60 -1.81
CA GLY B 181 12.02 -23.75 -1.12
C GLY B 181 13.00 -23.34 -0.04
N ARG B 182 13.85 -22.37 -0.35
CA ARG B 182 14.89 -21.90 0.56
C ARG B 182 14.30 -21.21 1.80
N LEU B 183 13.41 -20.25 1.59
CA LEU B 183 12.76 -19.56 2.70
C LEU B 183 11.91 -20.50 3.55
N SER B 184 11.21 -21.42 2.88
CA SER B 184 10.34 -22.38 3.57
C SER B 184 11.10 -23.38 4.43
N ALA B 185 12.39 -23.55 4.13
CA ALA B 185 13.25 -24.48 4.87
C ALA B 185 13.90 -23.87 6.12
N ARG B 186 13.79 -22.54 6.28
CA ARG B 186 14.27 -21.88 7.49
C ARG B 186 13.61 -22.55 8.70
N PRO B 187 14.41 -23.10 9.62
CA PRO B 187 13.92 -23.98 10.70
C PRO B 187 12.64 -23.53 11.41
N LYS B 188 12.62 -22.30 11.94
CA LYS B 188 11.43 -21.81 12.66
C LYS B 188 10.22 -21.64 11.73
N LEU B 189 10.47 -21.15 10.51
CA LEU B 189 9.42 -21.00 9.51
C LEU B 189 8.88 -22.36 9.04
N LYS B 190 9.78 -23.30 8.79
CA LYS B 190 9.40 -24.67 8.42
C LYS B 190 8.47 -25.27 9.45
N ALA B 191 8.84 -25.14 10.74
CA ALA B 191 8.05 -25.66 11.85
C ALA B 191 6.67 -25.02 11.91
N PHE B 192 6.61 -23.70 11.72
CA PHE B 192 5.33 -22.99 11.69
C PHE B 192 4.45 -23.43 10.52
N LEU B 193 5.03 -23.49 9.33
CA LEU B 193 4.28 -23.89 8.13
C LEU B 193 3.74 -25.32 8.21
N ALA B 194 4.42 -26.16 8.99
CA ALA B 194 4.00 -27.55 9.20
C ALA B 194 2.94 -27.69 10.31
N SER B 195 2.84 -26.68 11.16
CA SER B 195 1.97 -26.72 12.34
C SER B 195 0.48 -26.63 11.97
N PRO B 196 -0.39 -27.30 12.76
CA PRO B 196 -1.85 -27.19 12.58
C PRO B 196 -2.37 -25.75 12.69
N GLU B 197 -1.67 -24.92 13.44
CA GLU B 197 -1.96 -23.50 13.58
C GLU B 197 -2.04 -22.79 12.22
N TYR B 198 -1.21 -23.26 11.29
CA TYR B 198 -1.18 -22.77 9.92
C TYR B 198 -2.01 -23.68 9.01
N VAL B 199 -1.69 -24.98 9.01
CA VAL B 199 -2.27 -25.94 8.08
C VAL B 199 -3.81 -26.02 8.19
N ASN B 200 -4.33 -25.93 9.41
CA ASN B 200 -5.77 -26.13 9.64
C ASN B 200 -6.63 -24.86 9.50
N LEU B 201 -6.00 -23.74 9.13
CA LEU B 201 -6.75 -22.54 8.74
C LEU B 201 -6.94 -22.51 7.23
N PRO B 202 -8.15 -22.09 6.77
CA PRO B 202 -8.32 -21.90 5.33
C PRO B 202 -7.55 -20.66 4.88
N ILE B 203 -7.12 -20.64 3.63
CA ILE B 203 -6.40 -19.49 3.07
C ILE B 203 -7.32 -18.26 3.09
N ASN B 204 -8.58 -18.47 2.69
CA ASN B 204 -9.56 -17.39 2.57
C ASN B 204 -10.82 -17.65 3.39
N GLY B 205 -11.71 -16.66 3.44
CA GLY B 205 -12.90 -16.73 4.29
C GLY B 205 -14.14 -17.36 3.69
N ASN B 206 -14.08 -17.70 2.40
CA ASN B 206 -15.24 -18.20 1.67
C ASN B 206 -15.08 -19.63 1.13
N GLY B 207 -14.03 -20.32 1.57
CA GLY B 207 -13.77 -21.70 1.16
C GLY B 207 -13.23 -21.85 -0.24
N LYS B 208 -12.82 -20.74 -0.85
CA LYS B 208 -12.25 -20.77 -2.20
C LYS B 208 -10.75 -20.52 -2.14
N GLN B 209 -10.01 -21.17 -3.04
CA GLN B 209 -8.55 -21.10 -3.08
C GLN B 209 -8.01 -21.50 -4.45
N1 GSH C . 0.16 0.43 -7.46
CA1 GSH C . 0.58 1.41 -8.41
C1 GSH C . 1.14 2.69 -7.84
O11 GSH C . 0.78 3.05 -6.75
O12 GSH C . 1.94 3.34 -8.43
CB1 GSH C . -0.44 1.72 -9.47
CG1 GSH C . 0.12 2.42 -10.72
CD1 GSH C . -0.90 2.55 -11.84
OE1 GSH C . -2.16 2.09 -11.61
N2 GSH C . -0.52 3.12 -12.93
CA2 GSH C . -1.35 3.50 -14.04
C2 GSH C . -0.81 2.96 -15.35
O2 GSH C . 0.49 2.98 -15.52
CB2 GSH C . -1.41 5.02 -14.11
SG2 GSH C . -1.83 5.70 -12.48
N3 GSH C . -1.62 2.47 -16.25
CA3 GSH C . -1.14 2.11 -17.53
C3 GSH C . -1.10 0.62 -17.86
O31 GSH C . -1.30 -0.20 -17.01
O32 GSH C . -0.82 0.29 -18.97
OA5 N11 D . -3.67 2.51 -23.60
CE1 N11 D . -4.30 3.60 -22.92
CE2 N11 D . -3.25 4.40 -22.15
CE3 N11 D . -3.74 4.72 -20.74
CE4 N11 D . -2.75 5.63 -20.01
CE5 N11 D . -3.48 6.64 -19.13
CE6 N11 D . -3.36 6.27 -17.65
S1 N11 D . -4.70 6.98 -16.75
CF4 N11 D . -4.86 6.20 -15.25
CL N11 D . -5.54 4.88 -15.15
NA3 N11 D . -6.12 4.07 -16.07
OA2 N11 D . -6.59 2.96 -15.31
NA1 N11 D . -6.30 3.06 -13.92
CI N11 D . -5.65 4.24 -13.80
CF5 N11 D . -4.36 6.80 -14.10
CF6 N11 D . -4.47 6.21 -12.84
CF7 N11 D . -5.08 4.97 -12.64
NA4 N11 D . -5.17 4.41 -11.36
OA4 N11 D . -5.90 3.24 -11.16
OA3 N11 D . -4.53 5.00 -10.28
O1 MES E . 9.60 21.54 -13.46
C2 MES E . 8.96 20.60 -12.61
C3 MES E . 9.12 21.02 -11.14
N4 MES E . 9.16 22.47 -10.95
C5 MES E . 9.16 23.46 -12.04
C6 MES E . 8.95 22.81 -13.41
C7 MES E . 9.27 22.96 -9.58
C8 MES E . 7.92 23.49 -9.08
S MES E . 8.06 24.55 -7.78
O1S MES E . 8.70 23.47 -7.00
O2S MES E . 6.58 24.64 -7.81
O3S MES E . 8.88 25.43 -8.67
N1 GSH F . -6.19 -2.56 3.70
CA1 GSH F . -6.61 -3.45 4.73
C1 GSH F . -5.47 -4.26 5.30
O11 GSH F . -5.50 -4.70 6.40
O12 GSH F . -4.49 -4.43 4.62
CB1 GSH F . -7.83 -4.28 4.41
CG1 GSH F . -8.33 -5.19 5.51
CD1 GSH F . -9.52 -6.04 5.11
OE1 GSH F . -9.92 -6.13 3.81
N2 GSH F . -10.14 -6.65 6.08
CA2 GSH F . -11.13 -7.64 5.88
C2 GSH F . -12.30 -7.40 6.80
O2 GSH F . -12.04 -6.98 8.06
CB2 GSH F . -10.58 -9.03 6.09
SG2 GSH F . -8.98 -9.33 5.28
N3 GSH F . -13.49 -7.65 6.33
CA3 GSH F . -14.64 -7.39 7.20
C3 GSH F . -15.46 -6.14 6.98
O31 GSH F . -16.51 -6.09 7.56
O32 GSH F . -15.10 -5.27 6.21
OA5 N11 G . -16.97 -8.86 4.33
CE1 N11 G . -16.86 -10.21 4.80
CE2 N11 G . -17.19 -10.26 6.29
CE3 N11 G . -17.11 -11.69 6.82
CE4 N11 G . -15.81 -11.94 7.57
CE5 N11 G . -14.86 -12.81 6.76
CE6 N11 G . -13.73 -11.99 6.16
S1 N11 G . -12.88 -12.93 4.95
CF4 N11 G . -12.00 -11.88 3.94
CL N11 G . -12.69 -11.01 2.95
NA3 N11 G . -13.98 -10.84 2.61
OA2 N11 G . -13.95 -9.85 1.58
NA1 N11 G . -12.63 -9.40 1.26
CI N11 G . -11.84 -10.11 2.09
CF5 N11 G . -10.61 -11.84 4.05
CF6 N11 G . -9.82 -11.01 3.25
CF7 N11 G . -10.36 -10.14 2.30
NA4 N11 G . -9.51 -9.32 1.53
OA4 N11 G . -10.04 -8.56 0.50
OA3 N11 G . -8.16 -9.26 1.81
O1 MES H . -0.22 -18.67 19.63
C2 MES H . 0.10 -20.04 19.69
C3 MES H . 1.53 -20.46 19.43
N4 MES H . 1.98 -19.74 18.27
C5 MES H . 1.70 -18.35 18.15
C6 MES H . 0.29 -17.99 18.52
C7 MES H . 2.73 -20.50 17.31
C8 MES H . 3.94 -19.77 16.89
S MES H . 5.28 -20.67 16.58
O1S MES H . 5.69 -21.36 17.66
O2S MES H . 5.27 -21.53 15.48
O3S MES H . 6.11 -19.64 16.39
#